data_2A2X
#
_entry.id   2A2X
#
_cell.length_a   71.240
_cell.length_b   72.390
_cell.length_c   73.060
_cell.angle_alpha   90
_cell.angle_beta   101.01
_cell.angle_gamma   90
#
_symmetry.space_group_name_H-M   'C 1 2 1'
#
loop_
_entity.id
_entity.type
_entity.pdbx_description
1 polymer 'Thrombin light chain'
2 polymer 'Thrombin heavy chain'
3 polymer 'synthetic peptide'
4 non-polymer N-(CARBOXYMETHYL)-3-CYCLOHEXYL-D-ALANYL-N-({6-[AMINO(IMINO)METHYL]PYRIDIN-3-YL}METHYL)-N~2~-METHYL-L-ALANINAMIDE
5 water water
#
loop_
_entity_poly.entity_id
_entity_poly.type
_entity_poly.pdbx_seq_one_letter_code
_entity_poly.pdbx_strand_id
1 'polypeptide(L)' GSGEADCGLRPLFEKKSLEDKTERELLESYIDGR L
2 'polypeptide(L)'
;IVEGSDAEIGMSPWQVMLFRKSPQELLCGASLISDRWVLTAAHCLLYPPWDKNFTENDLLVRIGKHSRTRYERNIEKISM
LEKIYIHPRYNWRENLDRDIALMKLKKPVAFSDYIHPVCLPDRETAASLLQAGYKGRVTGWGNLKETWTANVGKGQPSVL
QVVNLPIVERPVCKDSTRIRITDNMFCAGYKPDEGKRGDACEGDSGGPFVMKSPFNNRWYQMGIVSWGEGCDRDGKYGFY
THVFRLKKWIQKVIDQFGE
;
H
3 'polypeptide(L)' (SIN)YEPI(HYP)EE(SMF)(ALC)Q P
#
loop_
_chem_comp.id
_chem_comp.type
_chem_comp.name
_chem_comp.formula
NA9 non-polymer N-(CARBOXYMETHYL)-3-CYCLOHEXYL-D-ALANYL-N-({6-[AMINO(IMINO)METHYL]PYRIDIN-3-YL}METHYL)-N~2~-METHYL-L-ALANINAMIDE 'C22 H34 N6 O4'
SIN non-polymer 'SUCCINIC ACID' 'C4 H6 O4'
#
# COMPACT_ATOMS: atom_id res chain seq x y z
N GLY A 1 -11.20 -7.27 16.66
CA GLY A 1 -9.90 -7.42 17.39
C GLY A 1 -8.92 -6.30 17.09
N SER A 2 -7.73 -6.66 16.63
CA SER A 2 -6.68 -5.69 16.29
C SER A 2 -7.06 -4.95 15.00
N GLY A 3 -8.35 -4.98 14.70
CA GLY A 3 -8.90 -4.34 13.52
C GLY A 3 -10.40 -4.51 13.61
N GLU A 4 -11.15 -3.45 13.37
CA GLU A 4 -12.60 -3.51 13.45
C GLU A 4 -13.15 -4.78 12.80
N ALA A 5 -13.86 -5.58 13.59
CA ALA A 5 -14.44 -6.81 13.09
C ALA A 5 -15.03 -6.49 11.73
N ASP A 6 -14.76 -7.35 10.76
CA ASP A 6 -15.23 -7.19 9.39
C ASP A 6 -14.08 -6.80 8.45
N CYS A 7 -13.04 -6.16 8.99
CA CYS A 7 -11.91 -5.74 8.16
C CYS A 7 -11.35 -6.96 7.42
N GLY A 8 -10.79 -6.72 6.23
CA GLY A 8 -10.19 -7.82 5.49
C GLY A 8 -11.09 -8.78 4.73
N LEU A 9 -12.41 -8.65 4.88
CA LEU A 9 -13.33 -9.52 4.15
C LEU A 9 -13.90 -8.70 3.00
N ARG A 10 -13.48 -9.01 1.78
CA ARG A 10 -13.94 -8.26 0.61
C ARG A 10 -15.37 -8.59 0.24
N PRO A 11 -16.18 -7.54 -0.01
CA PRO A 11 -17.60 -7.70 -0.38
C PRO A 11 -17.80 -8.61 -1.59
N LEU A 12 -16.97 -8.43 -2.62
CA LEU A 12 -17.11 -9.20 -3.84
C LEU A 12 -16.41 -10.54 -3.90
N PHE A 13 -15.73 -10.93 -2.83
CA PHE A 13 -15.05 -12.22 -2.86
C PHE A 13 -15.30 -13.05 -1.60
N GLU A 14 -14.51 -12.86 -0.55
CA GLU A 14 -14.69 -13.62 0.68
C GLU A 14 -16.14 -13.71 1.17
N LYS A 15 -16.86 -12.59 1.15
CA LYS A 15 -18.25 -12.59 1.60
C LYS A 15 -19.21 -13.37 0.69
N LYS A 16 -18.71 -13.87 -0.44
CA LYS A 16 -19.55 -14.63 -1.35
C LYS A 16 -18.89 -15.95 -1.74
N SER A 17 -17.79 -16.27 -1.05
CA SER A 17 -17.03 -17.48 -1.30
C SER A 17 -16.39 -17.57 -2.67
N LEU A 18 -16.19 -16.41 -3.30
CA LEU A 18 -15.54 -16.39 -4.61
C LEU A 18 -14.08 -16.03 -4.39
N GLU A 19 -13.21 -16.48 -5.29
CA GLU A 19 -11.78 -16.19 -5.18
C GLU A 19 -11.34 -15.36 -6.37
N ASP A 20 -10.29 -14.55 -6.20
CA ASP A 20 -9.78 -13.77 -7.31
C ASP A 20 -8.84 -14.69 -8.09
N LYS A 21 -8.49 -14.29 -9.31
CA LYS A 21 -7.64 -15.07 -10.19
C LYS A 21 -6.25 -15.49 -9.71
N THR A 22 -5.68 -14.81 -8.73
CA THR A 22 -4.34 -15.24 -8.31
C THR A 22 -4.13 -15.35 -6.82
N GLU A 23 -5.19 -15.40 -6.03
CA GLU A 23 -5.00 -15.48 -4.59
C GLU A 23 -4.45 -16.84 -4.12
N ARG A 24 -4.68 -17.91 -4.88
CA ARG A 24 -4.15 -19.20 -4.44
C ARG A 24 -2.63 -19.23 -4.53
N GLU A 25 -2.06 -18.36 -5.36
CA GLU A 25 -0.61 -18.28 -5.51
C GLU A 25 -0.01 -17.93 -4.16
N LEU A 26 -0.68 -17.04 -3.45
CA LEU A 26 -0.26 -16.61 -2.13
C LEU A 26 -0.37 -17.76 -1.13
N LEU A 27 -1.56 -18.33 -1.01
CA LEU A 27 -1.81 -19.43 -0.09
C LEU A 27 -0.93 -20.65 -0.32
N GLU A 28 -0.57 -20.91 -1.57
CA GLU A 28 0.28 -22.04 -1.88
C GLU A 28 1.69 -21.81 -1.38
N SER A 29 2.04 -20.55 -1.15
CA SER A 29 3.39 -20.22 -0.70
C SER A 29 3.50 -20.20 0.82
N TYR A 30 2.38 -20.33 1.52
CA TYR A 30 2.42 -20.32 2.97
C TYR A 30 2.65 -21.70 3.55
N ILE A 31 3.80 -22.28 3.22
CA ILE A 31 4.19 -23.60 3.69
C ILE A 31 5.51 -23.97 3.04
N ASP A 32 5.46 -24.19 1.74
CA ASP A 32 6.65 -24.56 0.96
C ASP A 32 6.48 -24.33 -0.54
N GLY A 33 5.36 -23.73 -0.94
CA GLY A 33 5.12 -23.47 -2.35
C GLY A 33 6.07 -22.45 -2.95
N ARG A 34 6.05 -22.31 -4.27
CA ARG A 34 6.92 -21.36 -4.95
C ARG A 34 6.14 -20.57 -6.00
N ILE B 1 3.60 -0.27 -10.90
CA ILE B 1 3.80 -1.75 -10.94
C ILE B 1 4.44 -2.19 -12.26
N VAL B 2 5.52 -2.96 -12.16
CA VAL B 2 6.22 -3.49 -13.32
C VAL B 2 6.01 -5.01 -13.40
N GLU B 3 5.63 -5.48 -14.58
CA GLU B 3 5.39 -6.91 -14.80
C GLU B 3 4.23 -7.47 -13.98
N GLY B 4 3.17 -6.67 -13.84
CA GLY B 4 2.01 -7.12 -13.12
C GLY B 4 0.88 -7.36 -14.10
N SER B 5 -0.34 -7.09 -13.67
CA SER B 5 -1.49 -7.27 -14.52
C SER B 5 -2.65 -6.48 -13.94
N ASP B 6 -3.67 -6.25 -14.77
CA ASP B 6 -4.84 -5.50 -14.34
C ASP B 6 -5.53 -6.21 -13.19
N ALA B 7 -5.91 -5.45 -12.17
CA ALA B 7 -6.59 -6.02 -11.03
C ALA B 7 -8.03 -6.26 -11.45
N GLU B 8 -8.76 -7.12 -10.74
CA GLU B 8 -10.15 -7.31 -11.11
C GLU B 8 -10.96 -6.42 -10.18
N ILE B 9 -12.18 -6.09 -10.60
CA ILE B 9 -13.05 -5.22 -9.83
C ILE B 9 -13.23 -5.69 -8.39
N GLY B 10 -13.11 -4.76 -7.44
CA GLY B 10 -13.29 -5.10 -6.04
C GLY B 10 -12.22 -5.98 -5.41
N MET B 11 -11.11 -6.15 -6.12
CA MET B 11 -10.01 -6.98 -5.63
C MET B 11 -9.20 -6.35 -4.47
N SER B 12 -9.16 -5.02 -4.40
CA SER B 12 -8.44 -4.29 -3.35
C SER B 12 -9.29 -3.12 -2.89
N PRO B 13 -10.41 -3.41 -2.22
CA PRO B 13 -11.36 -2.40 -1.70
C PRO B 13 -10.79 -1.39 -0.71
N TRP B 14 -9.54 -1.54 -0.33
CA TRP B 14 -8.88 -0.64 0.62
C TRP B 14 -7.84 0.26 -0.05
N GLN B 15 -7.62 0.04 -1.34
CA GLN B 15 -6.66 0.83 -2.11
C GLN B 15 -7.12 2.28 -2.19
N VAL B 16 -6.25 3.19 -1.78
CA VAL B 16 -6.57 4.60 -1.80
C VAL B 16 -5.62 5.38 -2.70
N MET B 17 -6.11 6.45 -3.30
CA MET B 17 -5.27 7.26 -4.18
C MET B 17 -5.07 8.64 -3.58
N LEU B 18 -3.82 9.06 -3.44
CA LEU B 18 -3.53 10.38 -2.89
C LEU B 18 -3.53 11.30 -4.10
N PHE B 19 -4.53 12.15 -4.19
CA PHE B 19 -4.64 13.04 -5.33
C PHE B 19 -4.30 14.48 -5.00
N ARG B 20 -3.45 15.06 -5.83
CA ARG B 20 -3.03 16.44 -5.67
C ARG B 20 -4.06 17.35 -6.32
N LYS B 21 -4.43 18.43 -5.65
CA LYS B 21 -5.41 19.37 -6.18
C LYS B 21 -4.90 20.19 -7.37
N SER B 22 -3.68 20.70 -7.27
CA SER B 22 -3.11 21.53 -8.33
C SER B 22 -1.59 21.48 -8.43
N PRO B 23 -1.07 20.93 -9.54
CA PRO B 23 -1.89 20.38 -10.62
C PRO B 23 -2.54 19.05 -10.26
N GLN B 24 -3.70 18.76 -10.87
CA GLN B 24 -4.41 17.52 -10.62
C GLN B 24 -3.59 16.35 -11.15
N GLU B 25 -3.01 15.59 -10.24
CA GLU B 25 -2.19 14.45 -10.62
C GLU B 25 -2.07 13.42 -9.50
N LEU B 26 -1.73 12.19 -9.89
CA LEU B 26 -1.55 11.10 -8.94
C LEU B 26 -0.34 11.48 -8.11
N LEU B 27 -0.48 11.33 -6.80
CA LEU B 27 0.59 11.66 -5.89
C LEU B 27 1.20 10.39 -5.30
N CYS B 28 0.33 9.54 -4.77
CA CYS B 28 0.77 8.31 -4.13
C CYS B 28 -0.38 7.33 -3.95
N GLY B 29 -0.04 6.15 -3.47
CA GLY B 29 -1.03 5.14 -3.17
C GLY B 29 -1.20 5.25 -1.67
N ALA B 30 -2.21 4.57 -1.10
CA ALA B 30 -2.46 4.62 0.34
C ALA B 30 -3.46 3.52 0.63
N SER B 31 -3.88 3.37 1.88
CA SER B 31 -4.82 2.32 2.23
C SER B 31 -5.79 2.74 3.32
N LEU B 32 -7.03 2.23 3.23
CA LEU B 32 -8.09 2.52 4.19
C LEU B 32 -8.07 1.48 5.31
N ILE B 33 -7.81 1.92 6.54
CA ILE B 33 -7.76 1.01 7.69
C ILE B 33 -8.98 1.11 8.63
N SER B 34 -9.85 2.08 8.37
CA SER B 34 -11.07 2.27 9.14
C SER B 34 -11.88 3.30 8.38
N ASP B 35 -13.05 3.69 8.89
CA ASP B 35 -13.88 4.66 8.18
C ASP B 35 -13.38 6.10 8.25
N ARG B 36 -12.33 6.34 9.04
CA ARG B 36 -11.79 7.68 9.22
C ARG B 36 -10.28 7.83 9.04
N TRP B 37 -9.55 6.72 8.87
CA TRP B 37 -8.10 6.78 8.75
C TRP B 37 -7.46 6.10 7.53
N VAL B 38 -6.54 6.80 6.87
CA VAL B 38 -5.84 6.20 5.75
C VAL B 38 -4.36 6.18 6.11
N LEU B 39 -3.68 5.14 5.65
CA LEU B 39 -2.28 4.92 5.94
C LEU B 39 -1.49 5.11 4.65
N THR B 40 -0.30 5.71 4.75
CA THR B 40 0.55 5.92 3.57
C THR B 40 2.00 6.11 3.98
N ALA B 41 2.87 6.32 3.00
CA ALA B 41 4.29 6.51 3.28
C ALA B 41 4.50 7.98 3.62
N ALA B 42 5.39 8.26 4.56
CA ALA B 42 5.67 9.63 4.95
C ALA B 42 6.36 10.42 3.83
N HIS B 43 7.16 9.76 3.00
CA HIS B 43 7.85 10.48 1.93
C HIS B 43 6.90 11.01 0.86
N CYS B 44 5.63 10.64 0.97
CA CYS B 44 4.62 11.09 0.02
C CYS B 44 4.21 12.50 0.39
N LEU B 45 4.44 12.86 1.64
CA LEU B 45 4.08 14.16 2.14
C LEU B 45 5.29 15.04 2.41
N LEU B 46 6.34 14.44 2.96
CA LEU B 46 7.55 15.18 3.30
C LEU B 46 8.83 14.53 2.80
N TYR B 47 9.57 15.28 1.99
CA TYR B 47 10.85 14.81 1.45
C TYR B 47 11.61 16.01 0.87
N PRO B 48 12.32 16.75 1.73
CA PRO B 48 13.13 17.94 1.43
C PRO B 48 14.06 17.86 0.22
N PRO B 49 14.74 16.72 0.05
CA PRO B 49 15.63 16.63 -1.12
C PRO B 49 14.94 16.97 -2.43
N TRP B 50 13.62 16.80 -2.48
CA TRP B 50 12.84 17.10 -3.68
C TRP B 50 11.86 18.23 -3.41
N ASP B 51 12.14 19.02 -2.38
CA ASP B 51 11.29 20.13 -2.00
C ASP B 51 9.83 19.76 -1.84
N LYS B 52 9.57 18.57 -1.31
CA LYS B 52 8.21 18.10 -1.11
C LYS B 52 7.76 18.31 0.35
N ASN B 53 6.66 19.02 0.55
CA ASN B 53 6.14 19.27 1.91
C ASN B 53 4.66 19.66 1.85
N PHE B 54 3.81 18.68 1.55
CA PHE B 54 2.36 18.91 1.44
C PHE B 54 1.62 19.00 2.77
N THR B 55 0.51 19.75 2.76
CA THR B 55 -0.32 19.91 3.95
C THR B 55 -1.76 19.48 3.68
N GLU B 56 -2.55 19.36 4.75
CA GLU B 56 -3.94 18.95 4.66
C GLU B 56 -4.72 19.46 3.45
N ASN B 57 -4.61 20.76 3.18
CA ASN B 57 -5.35 21.34 2.08
C ASN B 57 -4.74 21.24 0.69
N ASP B 58 -3.58 20.61 0.58
CA ASP B 58 -2.95 20.47 -0.73
C ASP B 58 -3.43 19.24 -1.47
N LEU B 59 -4.13 18.34 -0.78
CA LEU B 59 -4.55 17.14 -1.46
C LEU B 59 -5.87 16.51 -1.05
N LEU B 60 -6.33 15.60 -1.89
CA LEU B 60 -7.58 14.89 -1.67
C LEU B 60 -7.32 13.39 -1.60
N VAL B 61 -8.30 12.67 -1.05
CA VAL B 61 -8.21 11.22 -0.93
C VAL B 61 -9.33 10.59 -1.77
N ARG B 62 -8.97 9.73 -2.72
CA ARG B 62 -9.96 9.08 -3.57
C ARG B 62 -10.04 7.58 -3.30
N ILE B 63 -11.17 7.15 -2.74
CA ILE B 63 -11.41 5.76 -2.36
C ILE B 63 -12.38 5.00 -3.29
N GLY B 64 -12.10 3.71 -3.51
CA GLY B 64 -12.96 2.87 -4.34
C GLY B 64 -12.69 2.85 -5.83
N LYS B 65 -11.53 3.33 -6.25
CA LYS B 65 -11.20 3.41 -7.66
C LYS B 65 -10.64 2.16 -8.34
N HIS B 66 -10.68 2.18 -9.67
CA HIS B 66 -10.16 1.10 -10.49
C HIS B 66 -9.36 1.74 -11.62
N SER B 67 -10.03 2.63 -12.35
CA SER B 67 -9.36 3.33 -13.45
C SER B 67 -8.45 4.39 -12.84
N ARG B 68 -7.32 4.62 -13.50
CA ARG B 68 -6.35 5.59 -13.01
C ARG B 68 -6.76 7.05 -13.25
N THR B 69 -7.22 7.35 -14.45
CA THR B 69 -7.56 8.73 -14.80
C THR B 69 -9.01 9.16 -14.80
N ARG B 70 -9.94 8.24 -14.99
CA ARG B 70 -11.35 8.64 -15.05
C ARG B 70 -12.00 8.90 -13.70
N TYR B 71 -12.94 9.83 -13.66
CA TYR B 71 -13.68 10.11 -12.43
C TYR B 71 -14.79 9.07 -12.47
N GLU B 72 -14.66 8.05 -11.63
CA GLU B 72 -15.64 6.96 -11.61
C GLU B 72 -16.88 7.27 -10.80
N ARG B 73 -17.74 8.08 -11.42
CA ARG B 73 -19.00 8.55 -10.87
C ARG B 73 -19.84 7.43 -10.28
N ASN B 74 -20.40 7.70 -9.09
CA ASN B 74 -21.24 6.74 -8.38
C ASN B 74 -20.49 5.56 -7.78
N ILE B 75 -19.20 5.45 -8.06
CA ILE B 75 -18.43 4.35 -7.52
C ILE B 75 -17.37 4.85 -6.54
N GLU B 76 -16.48 5.71 -7.01
CA GLU B 76 -15.42 6.24 -6.14
C GLU B 76 -15.93 7.33 -5.20
N LYS B 77 -15.23 7.53 -4.10
CA LYS B 77 -15.60 8.55 -3.12
C LYS B 77 -14.38 9.43 -2.86
N ILE B 78 -14.55 10.74 -3.03
CA ILE B 78 -13.45 11.66 -2.78
C ILE B 78 -13.60 12.28 -1.40
N SER B 79 -12.55 12.14 -0.59
CA SER B 79 -12.56 12.66 0.76
C SER B 79 -11.47 13.71 1.04
N MET B 80 -11.72 14.57 2.02
CA MET B 80 -10.79 15.63 2.40
C MET B 80 -10.08 15.28 3.70
N LEU B 81 -8.86 15.77 3.82
CA LEU B 81 -8.05 15.52 5.01
C LEU B 81 -8.31 16.54 6.08
N GLU B 82 -8.34 16.08 7.32
CA GLU B 82 -8.55 16.97 8.44
C GLU B 82 -7.23 17.17 9.15
N LYS B 83 -6.43 16.09 9.20
CA LYS B 83 -5.14 16.14 9.86
C LYS B 83 -4.17 15.09 9.33
N ILE B 84 -2.91 15.46 9.23
CA ILE B 84 -1.84 14.57 8.77
C ILE B 84 -0.89 14.37 9.93
N TYR B 85 -0.43 13.14 10.13
CA TYR B 85 0.52 12.85 11.19
C TYR B 85 1.71 12.12 10.61
N ILE B 86 2.90 12.67 10.78
CA ILE B 86 4.11 12.03 10.27
C ILE B 86 4.83 11.44 11.48
N HIS B 87 5.34 10.21 11.36
CA HIS B 87 6.04 9.63 12.48
C HIS B 87 7.13 10.58 12.94
N PRO B 88 7.13 10.92 14.24
CA PRO B 88 8.13 11.83 14.80
C PRO B 88 9.60 11.50 14.50
N ARG B 89 9.92 10.23 14.30
CA ARG B 89 11.30 9.86 14.03
C ARG B 89 11.59 9.44 12.59
N TYR B 90 10.75 9.91 11.67
CA TYR B 90 10.92 9.62 10.24
C TYR B 90 12.28 10.16 9.81
N ASN B 91 13.16 9.28 9.32
CA ASN B 91 14.49 9.69 8.92
C ASN B 91 14.61 9.84 7.40
N TRP B 92 14.20 10.98 6.87
CA TRP B 92 14.29 11.23 5.43
C TRP B 92 15.71 11.61 5.03
N ARG B 93 16.51 11.99 6.02
CA ARG B 93 17.89 12.39 5.78
C ARG B 93 18.84 11.27 5.43
N GLU B 94 18.64 10.10 6.02
CA GLU B 94 19.57 9.01 5.80
C GLU B 94 19.16 7.77 5.02
N ASN B 95 18.14 7.06 5.50
CA ASN B 95 17.72 5.83 4.83
C ASN B 95 16.21 5.66 4.72
N LEU B 96 15.47 6.73 4.97
CA LEU B 96 14.00 6.68 4.89
C LEU B 96 13.41 5.76 5.96
N ASP B 97 14.13 5.62 7.07
CA ASP B 97 13.67 4.78 8.19
C ASP B 97 12.39 5.36 8.77
N ARG B 98 11.46 4.47 9.09
CA ARG B 98 10.17 4.85 9.65
C ARG B 98 9.31 5.67 8.68
N ASP B 99 9.30 5.21 7.42
CA ASP B 99 8.54 5.85 6.36
C ASP B 99 7.04 5.57 6.49
N ILE B 100 6.39 6.28 7.41
CA ILE B 100 4.98 6.06 7.64
C ILE B 100 4.26 7.34 8.08
N ALA B 101 2.98 7.44 7.73
CA ALA B 101 2.16 8.59 8.08
C ALA B 101 0.69 8.17 8.12
N LEU B 102 -0.08 8.87 8.95
CA LEU B 102 -1.50 8.62 9.09
C LEU B 102 -2.27 9.87 8.70
N MET B 103 -3.41 9.67 8.04
CA MET B 103 -4.23 10.80 7.62
C MET B 103 -5.64 10.59 8.15
N LYS B 104 -6.17 11.62 8.80
CA LYS B 104 -7.50 11.63 9.37
C LYS B 104 -8.42 12.28 8.35
N LEU B 105 -9.49 11.61 7.97
CA LEU B 105 -10.44 12.14 7.00
C LEU B 105 -11.41 13.11 7.66
N LYS B 106 -11.89 14.09 6.93
CA LYS B 106 -12.83 15.04 7.51
C LYS B 106 -14.13 14.35 7.95
N LYS B 107 -14.64 13.44 7.13
CA LYS B 107 -15.85 12.70 7.47
C LYS B 107 -15.67 11.22 7.19
N PRO B 108 -16.31 10.36 8.00
CA PRO B 108 -16.20 8.92 7.81
C PRO B 108 -16.74 8.57 6.44
N VAL B 109 -16.12 7.59 5.79
CA VAL B 109 -16.57 7.17 4.47
C VAL B 109 -17.51 5.96 4.67
N ALA B 110 -18.47 5.80 3.76
CA ALA B 110 -19.40 4.67 3.85
C ALA B 110 -18.88 3.53 2.99
N PHE B 111 -18.89 2.33 3.55
CA PHE B 111 -18.41 1.16 2.83
C PHE B 111 -19.38 0.70 1.76
N SER B 112 -18.88 -0.08 0.81
CA SER B 112 -19.68 -0.60 -0.28
C SER B 112 -18.97 -1.83 -0.83
N ASP B 113 -19.30 -2.23 -2.05
CA ASP B 113 -18.66 -3.39 -2.65
C ASP B 113 -17.24 -3.06 -3.12
N TYR B 114 -16.94 -1.77 -3.25
CA TYR B 114 -15.63 -1.34 -3.73
C TYR B 114 -14.82 -0.59 -2.66
N ILE B 115 -15.43 -0.37 -1.51
CA ILE B 115 -14.80 0.35 -0.42
C ILE B 115 -14.91 -0.47 0.86
N HIS B 116 -13.77 -0.94 1.35
CA HIS B 116 -13.74 -1.75 2.57
C HIS B 116 -12.34 -1.71 3.18
N PRO B 117 -12.26 -1.59 4.51
CA PRO B 117 -10.96 -1.53 5.20
C PRO B 117 -10.19 -2.84 5.31
N VAL B 118 -8.86 -2.73 5.21
CA VAL B 118 -7.97 -3.87 5.32
C VAL B 118 -7.71 -4.00 6.81
N CYS B 119 -7.19 -5.14 7.25
CA CYS B 119 -6.90 -5.29 8.67
C CYS B 119 -5.45 -4.95 8.97
N LEU B 120 -5.18 -4.56 10.21
CA LEU B 120 -3.83 -4.27 10.65
C LEU B 120 -3.39 -5.53 11.40
N PRO B 121 -2.17 -6.00 11.16
CA PRO B 121 -1.66 -7.19 11.82
C PRO B 121 -1.46 -7.04 13.32
N ASP B 122 -1.48 -8.17 14.01
CA ASP B 122 -1.25 -8.22 15.44
C ASP B 122 0.01 -9.09 15.56
N ARG B 123 0.63 -9.09 16.72
CA ARG B 123 1.86 -9.86 16.93
C ARG B 123 1.83 -11.28 16.35
N GLU B 124 0.78 -12.03 16.66
CA GLU B 124 0.64 -13.41 16.19
C GLU B 124 0.60 -13.54 14.67
N THR B 125 -0.24 -12.73 14.03
CA THR B 125 -0.37 -12.76 12.58
C THR B 125 0.93 -12.38 11.87
N ALA B 126 1.54 -11.27 12.28
CA ALA B 126 2.79 -10.84 11.67
C ALA B 126 3.85 -11.94 11.74
N ALA B 127 3.94 -12.60 12.89
CA ALA B 127 4.92 -13.65 13.07
C ALA B 127 4.67 -14.88 12.20
N SER B 128 3.41 -15.21 11.95
CA SER B 128 3.09 -16.37 11.14
C SER B 128 3.31 -16.16 9.65
N LEU B 129 2.96 -14.98 9.15
CA LEU B 129 3.06 -14.69 7.74
C LEU B 129 4.31 -13.99 7.24
N LEU B 130 4.93 -13.17 8.09
CA LEU B 130 6.11 -12.45 7.66
C LEU B 130 7.36 -13.33 7.64
N GLN B 131 7.40 -14.23 6.66
CA GLN B 131 8.49 -15.18 6.50
C GLN B 131 8.99 -15.21 5.05
N ALA B 132 10.31 -15.33 4.90
CA ALA B 132 10.95 -15.36 3.59
C ALA B 132 10.37 -16.43 2.69
N GLY B 133 10.02 -16.04 1.47
CA GLY B 133 9.44 -16.99 0.54
C GLY B 133 7.92 -16.88 0.45
N TYR B 134 7.32 -16.44 1.56
CA TYR B 134 5.86 -16.25 1.59
C TYR B 134 5.57 -15.04 0.70
N LYS B 135 4.58 -15.19 -0.18
CA LYS B 135 4.23 -14.11 -1.08
C LYS B 135 3.21 -13.11 -0.55
N GLY B 136 3.33 -11.88 -1.04
CA GLY B 136 2.43 -10.82 -0.66
C GLY B 136 1.96 -10.17 -1.94
N ARG B 137 1.04 -9.22 -1.83
CA ARG B 137 0.50 -8.54 -2.99
C ARG B 137 0.64 -7.03 -2.87
N VAL B 138 1.03 -6.41 -3.98
CA VAL B 138 1.21 -4.97 -4.04
C VAL B 138 0.31 -4.47 -5.16
N THR B 139 -0.30 -3.30 -4.96
CA THR B 139 -1.19 -2.72 -5.95
C THR B 139 -0.86 -1.24 -6.17
N GLY B 140 -1.00 -0.76 -7.39
CA GLY B 140 -0.71 0.63 -7.65
C GLY B 140 -1.04 1.09 -9.05
N TRP B 141 -1.03 2.41 -9.22
CA TRP B 141 -1.33 3.03 -10.50
C TRP B 141 -0.04 3.63 -11.07
N GLY B 142 1.09 3.27 -10.46
CA GLY B 142 2.38 3.79 -10.87
C GLY B 142 2.97 3.29 -12.18
N ASN B 143 4.17 3.77 -12.49
CA ASN B 143 4.87 3.41 -13.72
C ASN B 143 4.99 1.91 -13.98
N LEU B 144 5.01 1.57 -15.27
CA LEU B 144 5.09 0.18 -15.70
C LEU B 144 6.53 -0.25 -15.99
N LYS B 145 7.40 0.73 -16.23
CA LYS B 145 8.82 0.45 -16.47
C LYS B 145 9.63 1.55 -15.81
N GLU B 146 10.89 1.27 -15.49
CA GLU B 146 11.74 2.25 -14.83
C GLU B 146 11.87 3.53 -15.66
N THR B 147 12.10 3.36 -16.95
CA THR B 147 12.23 4.50 -17.86
C THR B 147 10.90 5.22 -18.04
N GLY B 155 3.21 4.70 -21.03
CA GLY B 155 4.07 4.88 -19.88
C GLY B 155 3.48 4.31 -18.60
N GLN B 156 2.30 4.81 -18.22
CA GLN B 156 1.62 4.35 -17.02
C GLN B 156 0.42 3.47 -17.37
N PRO B 157 -0.19 2.81 -16.35
CA PRO B 157 -1.34 1.93 -16.57
C PRO B 157 -2.67 2.66 -16.66
N SER B 158 -3.62 2.03 -17.32
CA SER B 158 -4.95 2.60 -17.47
C SER B 158 -5.82 2.12 -16.31
N VAL B 159 -5.48 0.94 -15.79
CA VAL B 159 -6.21 0.32 -14.70
C VAL B 159 -5.27 -0.04 -13.55
N LEU B 160 -5.82 -0.19 -12.35
CA LEU B 160 -5.03 -0.56 -11.18
C LEU B 160 -4.26 -1.84 -11.46
N GLN B 161 -2.96 -1.83 -11.17
CA GLN B 161 -2.11 -2.99 -11.42
C GLN B 161 -1.85 -3.76 -10.13
N VAL B 162 -1.54 -5.04 -10.26
CA VAL B 162 -1.26 -5.88 -9.11
C VAL B 162 -0.18 -6.92 -9.36
N VAL B 163 0.61 -7.19 -8.33
CA VAL B 163 1.66 -8.20 -8.40
C VAL B 163 1.80 -8.90 -7.08
N ASN B 164 2.11 -10.19 -7.16
CA ASN B 164 2.33 -11.03 -6.00
C ASN B 164 3.84 -11.20 -5.94
N LEU B 165 4.43 -10.89 -4.80
CA LEU B 165 5.87 -10.99 -4.65
C LEU B 165 6.30 -11.71 -3.38
N PRO B 166 7.38 -12.48 -3.48
CA PRO B 166 7.89 -13.21 -2.31
C PRO B 166 8.72 -12.30 -1.41
N ILE B 167 8.58 -12.48 -0.09
CA ILE B 167 9.35 -11.71 0.85
C ILE B 167 10.76 -12.32 0.80
N VAL B 168 11.78 -11.49 0.95
CA VAL B 168 13.15 -11.96 0.86
C VAL B 168 13.92 -11.93 2.17
N GLU B 169 14.80 -12.90 2.37
CA GLU B 169 15.61 -13.02 3.58
C GLU B 169 16.32 -11.70 3.87
N ARG B 170 16.35 -11.30 5.14
CA ARG B 170 16.99 -10.05 5.53
C ARG B 170 18.43 -9.91 4.97
N PRO B 171 19.25 -10.97 5.06
CA PRO B 171 20.64 -10.94 4.57
C PRO B 171 20.73 -10.49 3.12
N VAL B 172 19.99 -11.17 2.25
CA VAL B 172 19.98 -10.85 0.83
C VAL B 172 19.61 -9.38 0.61
N CYS B 173 18.63 -8.89 1.39
CA CYS B 173 18.21 -7.50 1.27
C CYS B 173 19.39 -6.55 1.57
N LYS B 174 20.12 -6.83 2.65
CA LYS B 174 21.27 -6.01 3.05
C LYS B 174 22.37 -5.95 1.99
N ASP B 175 22.79 -7.12 1.52
CA ASP B 175 23.86 -7.23 0.53
C ASP B 175 23.52 -6.79 -0.91
N SER B 176 22.35 -6.19 -1.11
CA SER B 176 21.95 -5.76 -2.43
C SER B 176 22.04 -4.24 -2.60
N THR B 177 22.34 -3.54 -1.50
CA THR B 177 22.39 -2.08 -1.55
C THR B 177 23.41 -1.50 -0.58
N ARG B 178 23.74 -0.22 -0.76
CA ARG B 178 24.69 0.44 0.13
C ARG B 178 23.93 1.18 1.22
N ILE B 179 22.62 1.29 1.04
CA ILE B 179 21.78 1.98 2.01
C ILE B 179 21.67 1.16 3.30
N ARG B 180 21.75 1.84 4.43
CA ARG B 180 21.66 1.18 5.74
C ARG B 180 20.23 0.71 6.05
N ILE B 181 20.02 -0.60 5.98
CA ILE B 181 18.72 -1.22 6.26
C ILE B 181 18.43 -1.26 7.76
N THR B 182 17.17 -1.10 8.15
CA THR B 182 16.81 -1.15 9.57
C THR B 182 15.70 -2.17 9.82
N ASP B 183 15.38 -2.39 11.09
CA ASP B 183 14.35 -3.33 11.51
C ASP B 183 12.92 -2.92 11.15
N ASN B 184 12.73 -1.65 10.81
CA ASN B 184 11.41 -1.17 10.45
C ASN B 184 11.20 -1.27 8.95
N MET B 185 12.04 -2.06 8.30
CA MET B 185 11.97 -2.27 6.85
C MET B 185 12.09 -3.74 6.52
N PHE B 186 11.62 -4.10 5.33
CA PHE B 186 11.77 -5.46 4.83
C PHE B 186 11.74 -5.32 3.31
N CYS B 187 12.29 -6.29 2.60
CA CYS B 187 12.30 -6.18 1.15
C CYS B 187 11.62 -7.39 0.52
N ALA B 188 11.16 -7.22 -0.71
CA ALA B 188 10.47 -8.30 -1.40
C ALA B 188 10.70 -8.21 -2.89
N GLY B 189 10.74 -9.36 -3.55
CA GLY B 189 10.95 -9.41 -4.97
C GLY B 189 11.54 -10.75 -5.36
N TYR B 190 11.56 -11.05 -6.65
CA TYR B 190 12.14 -12.29 -7.12
C TYR B 190 13.63 -12.12 -7.31
N LYS B 191 14.38 -13.19 -7.05
CA LYS B 191 15.82 -13.16 -7.22
C LYS B 191 16.12 -13.31 -8.70
N PRO B 192 17.32 -12.91 -9.13
CA PRO B 192 17.76 -12.97 -10.53
C PRO B 192 17.56 -14.31 -11.25
N ASP B 193 17.71 -15.41 -10.52
CA ASP B 193 17.57 -16.74 -11.12
C ASP B 193 16.22 -17.43 -10.89
N GLU B 194 15.20 -16.67 -10.51
CA GLU B 194 13.90 -17.26 -10.26
C GLU B 194 12.97 -17.25 -11.46
N GLY B 195 13.43 -16.69 -12.57
CA GLY B 195 12.61 -16.67 -13.76
C GLY B 195 11.48 -15.66 -13.77
N LYS B 196 10.72 -15.60 -12.67
CA LYS B 196 9.62 -14.64 -12.58
C LYS B 196 10.22 -13.30 -12.11
N ARG B 197 9.52 -12.20 -12.40
CA ARG B 197 10.00 -10.90 -11.97
C ARG B 197 8.85 -9.96 -11.60
N GLY B 198 9.16 -8.69 -11.37
CA GLY B 198 8.13 -7.73 -11.00
C GLY B 198 8.56 -6.83 -9.84
N ASP B 199 7.92 -5.69 -9.69
CA ASP B 199 8.30 -4.75 -8.63
C ASP B 199 7.35 -3.55 -8.60
N ALA B 200 7.47 -2.73 -7.55
CA ALA B 200 6.68 -1.51 -7.46
C ALA B 200 7.54 -0.49 -8.20
N CYS B 201 7.07 0.74 -8.30
CA CYS B 201 7.85 1.75 -9.00
C CYS B 201 7.30 3.11 -8.64
N GLU B 202 7.92 4.17 -9.18
CA GLU B 202 7.47 5.52 -8.93
C GLU B 202 5.95 5.54 -9.13
N GLY B 203 5.22 6.20 -8.23
CA GLY B 203 3.77 6.26 -8.37
C GLY B 203 3.02 5.29 -7.46
N ASP B 204 3.69 4.21 -7.08
CA ASP B 204 3.11 3.19 -6.20
C ASP B 204 3.36 3.50 -4.72
N SER B 205 4.23 4.47 -4.45
CA SER B 205 4.58 4.89 -3.08
C SER B 205 3.37 4.98 -2.16
N GLY B 206 3.56 4.58 -0.91
CA GLY B 206 2.48 4.64 0.07
C GLY B 206 1.47 3.54 -0.09
N GLY B 207 1.60 2.78 -1.18
CA GLY B 207 0.69 1.68 -1.44
C GLY B 207 0.85 0.52 -0.47
N PRO B 208 -0.21 -0.28 -0.32
CA PRO B 208 -0.27 -1.45 0.57
C PRO B 208 0.33 -2.75 0.04
N PHE B 209 1.10 -3.41 0.88
CA PHE B 209 1.67 -4.72 0.57
C PHE B 209 0.83 -5.60 1.53
N VAL B 210 -0.04 -6.45 0.98
CA VAL B 210 -0.89 -7.28 1.85
C VAL B 210 -0.72 -8.78 1.74
N MET B 211 -1.28 -9.48 2.71
CA MET B 211 -1.22 -10.94 2.75
C MET B 211 -2.55 -11.44 3.28
N LYS B 212 -3.01 -12.58 2.75
CA LYS B 212 -4.26 -13.17 3.20
C LYS B 212 -3.96 -14.24 4.22
N SER B 213 -4.51 -14.11 5.41
CA SER B 213 -4.28 -15.09 6.46
C SER B 213 -4.93 -16.43 6.11
N PRO B 214 -4.16 -17.52 6.23
CA PRO B 214 -4.72 -18.85 5.93
C PRO B 214 -5.53 -19.38 7.11
N PHE B 215 -5.52 -18.65 8.22
CA PHE B 215 -6.22 -19.05 9.44
C PHE B 215 -7.65 -18.53 9.56
N ASN B 216 -7.88 -17.28 9.20
CA ASN B 216 -9.22 -16.72 9.29
C ASN B 216 -9.73 -16.10 8.00
N ASN B 217 -8.97 -16.27 6.92
CA ASN B 217 -9.35 -15.75 5.60
C ASN B 217 -9.32 -14.24 5.39
N ARG B 218 -8.72 -13.50 6.31
CA ARG B 218 -8.69 -12.05 6.17
C ARG B 218 -7.41 -11.50 5.56
N TRP B 219 -7.52 -10.31 4.97
CA TRP B 219 -6.36 -9.65 4.39
C TRP B 219 -5.78 -8.68 5.41
N TYR B 220 -4.47 -8.70 5.55
CA TYR B 220 -3.75 -7.84 6.48
C TYR B 220 -2.69 -7.05 5.72
N GLN B 221 -2.48 -5.78 6.09
CA GLN B 221 -1.45 -4.99 5.43
C GLN B 221 -0.17 -5.17 6.24
N MET B 222 0.83 -5.80 5.64
CA MET B 222 2.10 -6.03 6.34
C MET B 222 3.12 -4.94 6.05
N GLY B 223 3.02 -4.33 4.87
CA GLY B 223 3.96 -3.28 4.51
C GLY B 223 3.41 -2.12 3.71
N ILE B 224 4.28 -1.13 3.48
CA ILE B 224 3.94 0.07 2.74
C ILE B 224 5.04 0.30 1.72
N VAL B 225 4.69 0.52 0.45
CA VAL B 225 5.71 0.76 -0.57
C VAL B 225 6.55 1.98 -0.17
N SER B 226 7.81 1.74 0.19
CA SER B 226 8.70 2.82 0.62
C SER B 226 9.72 3.31 -0.42
N TRP B 227 10.75 2.51 -0.68
CA TRP B 227 11.77 2.90 -1.63
C TRP B 227 12.36 1.74 -2.41
N GLY B 228 13.21 2.10 -3.37
CA GLY B 228 13.88 1.12 -4.20
C GLY B 228 14.92 1.85 -5.04
N GLU B 229 15.79 1.09 -5.70
CA GLU B 229 16.80 1.70 -6.56
C GLU B 229 16.46 1.26 -7.97
N GLY B 230 15.70 2.10 -8.66
CA GLY B 230 15.26 1.77 -9.99
C GLY B 230 13.96 0.99 -9.84
N CYS B 231 13.60 0.21 -10.85
CA CYS B 231 12.38 -0.59 -10.81
C CYS B 231 12.61 -1.91 -11.54
N ASP B 232 12.34 -3.01 -10.84
CA ASP B 232 12.50 -4.34 -11.41
C ASP B 232 13.86 -4.55 -12.07
N ARG B 233 14.92 -4.25 -11.33
CA ARG B 233 16.28 -4.43 -11.81
C ARG B 233 16.78 -5.72 -11.20
N ASP B 234 17.41 -6.57 -12.01
CA ASP B 234 17.95 -7.83 -11.52
C ASP B 234 18.90 -7.53 -10.37
N GLY B 235 18.80 -8.31 -9.29
CA GLY B 235 19.69 -8.10 -8.16
C GLY B 235 19.20 -7.09 -7.15
N LYS B 236 18.29 -6.20 -7.57
CA LYS B 236 17.74 -5.19 -6.66
C LYS B 236 16.36 -5.58 -6.15
N TYR B 237 15.98 -5.06 -4.99
CA TYR B 237 14.69 -5.38 -4.40
C TYR B 237 13.92 -4.18 -3.89
N GLY B 238 12.61 -4.34 -3.75
CA GLY B 238 11.77 -3.27 -3.26
C GLY B 238 11.75 -3.31 -1.74
N PHE B 239 11.76 -2.15 -1.11
CA PHE B 239 11.73 -2.06 0.34
C PHE B 239 10.40 -1.50 0.83
N TYR B 240 9.92 -2.06 1.93
CA TYR B 240 8.65 -1.67 2.50
C TYR B 240 8.75 -1.37 3.98
N THR B 241 7.91 -0.46 4.44
CA THR B 241 7.86 -0.08 5.84
C THR B 241 7.20 -1.24 6.59
N HIS B 242 7.86 -1.71 7.64
CA HIS B 242 7.35 -2.82 8.45
C HIS B 242 6.19 -2.34 9.32
N VAL B 243 4.96 -2.46 8.82
CA VAL B 243 3.78 -1.98 9.55
C VAL B 243 3.61 -2.44 11.00
N PHE B 244 3.86 -3.71 11.30
CA PHE B 244 3.69 -4.16 12.67
C PHE B 244 4.64 -3.48 13.66
N ARG B 245 5.85 -3.22 13.22
CA ARG B 245 6.85 -2.57 14.06
C ARG B 245 6.38 -1.19 14.52
N LEU B 246 5.56 -0.53 13.72
CA LEU B 246 5.09 0.79 14.06
C LEU B 246 3.63 0.80 14.52
N LYS B 247 3.09 -0.40 14.71
CA LYS B 247 1.72 -0.59 15.14
C LYS B 247 1.34 0.21 16.38
N LYS B 248 2.24 0.26 17.35
CA LYS B 248 1.97 0.99 18.58
C LYS B 248 1.87 2.49 18.37
N TRP B 249 2.70 3.03 17.48
CA TRP B 249 2.61 4.47 17.22
C TRP B 249 1.27 4.73 16.53
N ILE B 250 0.81 3.74 15.79
CA ILE B 250 -0.46 3.85 15.09
C ILE B 250 -1.60 3.88 16.09
N GLN B 251 -1.61 2.93 17.02
CA GLN B 251 -2.66 2.89 18.05
C GLN B 251 -2.66 4.20 18.83
N LYS B 252 -1.49 4.64 19.29
CA LYS B 252 -1.38 5.88 20.03
C LYS B 252 -2.09 7.00 19.27
N VAL B 253 -1.57 7.34 18.10
CA VAL B 253 -2.15 8.39 17.28
C VAL B 253 -3.67 8.34 17.17
N ILE B 254 -4.18 7.17 16.82
CA ILE B 254 -5.60 6.98 16.64
C ILE B 254 -6.50 7.17 17.86
N ASP B 255 -6.21 6.50 18.97
CA ASP B 255 -7.06 6.65 20.13
C ASP B 255 -6.69 7.85 20.98
N GLN B 256 -5.79 8.70 20.48
CA GLN B 256 -5.38 9.91 21.20
C GLN B 256 -5.94 11.13 20.47
N PHE B 257 -6.26 10.95 19.19
CA PHE B 257 -6.81 12.03 18.38
C PHE B 257 -8.07 11.59 17.62
C1 SIN C 1 -3.14 10.85 -18.64
O1 SIN C 1 -3.14 9.64 -18.86
O2 SIN C 1 -2.42 11.30 -17.76
C2 SIN C 1 -4.03 11.76 -19.45
C3 SIN C 1 -4.44 12.98 -18.62
C4 SIN C 1 -5.59 12.62 -17.68
O4 SIN C 1 -6.47 11.84 -18.05
N TYR C 2 -5.58 13.18 -16.49
CA TYR C 2 -6.62 12.88 -15.51
C TYR C 2 -7.88 13.67 -15.75
N GLU C 3 -9.01 12.98 -15.71
CA GLU C 3 -10.31 13.60 -15.89
C GLU C 3 -10.55 14.50 -14.69
N PRO C 4 -11.06 15.72 -14.93
CA PRO C 4 -11.32 16.66 -13.84
C PRO C 4 -12.36 16.11 -12.89
N ILE C 5 -12.14 16.34 -11.60
CA ILE C 5 -13.07 15.88 -10.60
C ILE C 5 -13.91 17.09 -10.20
N HYP C 6 -15.21 16.87 -9.95
CA HYP C 6 -16.16 17.93 -9.55
C HYP C 6 -15.57 18.92 -8.55
O HYP C 6 -14.73 18.57 -7.72
CB HYP C 6 -17.29 17.14 -8.91
CG HYP C 6 -17.38 15.89 -9.81
CD HYP C 6 -15.91 15.59 -10.14
OD1 HYP C 6 -17.92 14.82 -9.05
N GLU C 7 -16.06 20.15 -8.63
CA GLU C 7 -15.61 21.25 -7.81
C GLU C 7 -15.92 21.18 -6.33
N GLU C 8 -17.12 20.72 -5.96
CA GLU C 8 -17.48 20.67 -4.55
C GLU C 8 -16.52 19.82 -3.72
N SMF C 9 -15.46 19.32 -4.34
CA SMF C 9 -14.47 18.50 -3.65
CB SMF C 9 -14.09 17.28 -4.49
CG SMF C 9 -15.25 16.32 -4.50
CD1 SMF C 9 -15.69 15.77 -5.72
CE1 SMF C 9 -16.77 14.87 -5.73
CD2 SMF C 9 -15.89 15.98 -3.30
CE2 SMF C 9 -16.98 15.08 -3.30
CZ SMF C 9 -17.43 14.52 -4.52
CH SMF C 9 -18.59 13.57 -4.53
S SMF C 9 -18.04 11.85 -4.29
O1 SMF C 9 -17.08 11.63 -5.45
O2 SMF C 9 -17.22 11.72 -3.14
O3 SMF C 9 -19.10 10.95 -4.57
C SMF C 9 -13.21 19.31 -3.38
O SMF C 9 -12.48 19.03 -2.43
N ALC C 10 -12.98 20.32 -4.21
CA ALC C 10 -11.81 21.17 -4.10
C ALC C 10 -11.76 22.03 -2.84
O ALC C 10 -11.98 23.24 -2.91
CB ALC C 10 -11.70 22.06 -5.35
CG ALC C 10 -10.84 21.65 -6.51
CD2 ALC C 10 -10.20 20.26 -6.25
CE2 ALC C 10 -9.31 19.85 -7.44
CZ ALC C 10 -10.14 19.82 -8.75
CE1 ALC C 10 -10.82 21.19 -9.00
CD1 ALC C 10 -11.69 21.57 -7.79
N GLN C 11 -11.46 21.42 -1.71
CA GLN C 11 -11.36 22.11 -0.41
C GLN C 11 -10.30 21.46 0.49
C1 NA9 D . 11.09 2.48 -6.43
C2 NA9 D . 10.46 1.44 -5.69
N3 NA9 D . 9.58 1.74 -4.71
C4 NA9 D . 9.25 3.01 -4.41
C5 NA9 D . 9.83 4.09 -5.09
C6 NA9 D . 10.76 3.81 -6.13
C7 NA9 D . 9.46 5.51 -4.73
C8 NA9 D . 10.77 0.02 -5.96
N9 NA9 D . 11.56 -0.32 -6.98
N10 NA9 D . 10.26 -0.93 -5.17
N11 NA9 D . 10.32 5.94 -3.62
C12 NA9 D . 11.33 6.83 -3.78
C13 NA9 D . 12.18 7.21 -2.60
O14 NA9 D . 11.58 7.32 -4.88
C15 NA9 D . 11.60 8.47 -1.93
C16 NA9 D . 14.20 8.75 -3.11
N17 NA9 D . 13.61 7.40 -3.05
C18 NA9 D . 14.37 6.29 -3.41
C19 NA9 D . 15.83 6.41 -3.87
O20 NA9 D . 13.88 5.18 -3.37
N21 NA9 D . 15.93 5.98 -5.27
C22 NA9 D . 15.13 6.63 -6.34
C23 NA9 D . 14.98 5.67 -7.50
O24 NA9 D . 15.68 4.67 -7.57
O25 NA9 D . 14.17 5.91 -8.38
C26 NA9 D . 16.75 5.49 -3.05
C27 NA9 D . 17.27 6.03 -1.72
C28 NA9 D . 17.25 7.57 -1.58
C29 NA9 D . 17.86 7.99 -0.22
C30 NA9 D . 17.05 7.35 0.94
C31 NA9 D . 17.06 5.82 0.82
C32 NA9 D . 16.45 5.40 -0.55
#